data_2HJE
#
_entry.id   2HJE
#
_cell.length_a   33.446
_cell.length_b   36.152
_cell.length_c   49.185
_cell.angle_alpha   82.18
_cell.angle_beta   86.14
_cell.angle_gamma   67.28
#
_symmetry.space_group_name_H-M   'P 1'
#
loop_
_entity.id
_entity.type
_entity.pdbx_description
1 polymer 'Autoinducer 2 sensor kinase/phosphatase luxQ'
2 non-polymer 'NICKEL (II) ION'
3 water water
#
_entity_poly.entity_id   1
_entity_poly.type   'polypeptide(L)'
_entity_poly.pdbx_seq_one_letter_code
;GSKQQTSALIHNIFDSHFAAIQIHHDSNSKSEVIRDFYTDRDTDVLNFFFLSIDQSDPSHTPEFRFLTDHKGIIWDDGNA
HFYGVNDLILDSLANRVSFSNNWYYINVMTSIGSRHMLVRRVPILDPSTGEVLGFSFNAVVLDNNFALMEKLKSESNVDN
VVLVANSVPLANSLIGDEPYNVADVLQRKSSDKRLDKLLVIETPIVVNAVTTELCLLTVQD
;
_entity_poly.pdbx_strand_id   A
#
# COMPACT_ATOMS: atom_id res chain seq x y z
N SER A 2 12.96 25.92 -0.54
CA SER A 2 11.67 26.37 -1.13
C SER A 2 10.52 25.44 -0.69
N LYS A 3 9.35 26.03 -0.43
CA LYS A 3 8.20 25.26 0.02
C LYS A 3 7.68 24.35 -1.07
N GLN A 4 7.67 24.85 -2.31
CA GLN A 4 7.17 24.07 -3.45
C GLN A 4 8.10 22.93 -3.79
N GLN A 5 9.40 23.16 -3.58
CA GLN A 5 10.41 22.13 -3.80
C GLN A 5 10.20 20.99 -2.81
N THR A 6 9.93 21.36 -1.55
CA THR A 6 9.69 20.37 -0.51
C THR A 6 8.44 19.53 -0.84
N SER A 7 7.36 20.18 -1.25
CA SER A 7 6.13 19.49 -1.61
C SER A 7 6.33 18.55 -2.79
N ALA A 8 7.08 19.02 -3.80
CA ALA A 8 7.34 18.21 -5.00
C ALA A 8 8.19 16.98 -4.66
N LEU A 9 9.18 17.18 -3.79
CA LEU A 9 10.06 16.11 -3.32
C LEU A 9 9.26 15.02 -2.60
N ILE A 10 8.44 15.45 -1.64
CA ILE A 10 7.55 14.56 -0.87
C ILE A 10 6.62 13.75 -1.79
N HIS A 11 6.01 14.45 -2.75
CA HIS A 11 5.14 13.84 -3.75
C HIS A 11 5.91 12.79 -4.56
N ASN A 12 7.12 13.12 -5.02
CA ASN A 12 7.94 12.17 -5.75
C ASN A 12 8.39 10.95 -4.95
N ILE A 13 8.78 11.15 -3.69
CA ILE A 13 9.20 10.03 -2.81
C ILE A 13 8.03 9.07 -2.60
N PHE A 14 6.88 9.64 -2.27
CA PHE A 14 5.65 8.87 -2.07
C PHE A 14 5.34 8.04 -3.32
N ASP A 15 5.30 8.69 -4.49
CA ASP A 15 5.04 7.99 -5.75
C ASP A 15 6.07 6.91 -6.05
N SER A 16 7.34 7.20 -5.75
CA SER A 16 8.42 6.23 -5.97
C SER A 16 8.27 4.93 -5.19
N HIS A 17 7.79 5.01 -3.95
CA HIS A 17 7.48 3.82 -3.15
C HIS A 17 6.46 2.93 -3.87
N PHE A 18 5.36 3.53 -4.33
CA PHE A 18 4.32 2.75 -4.99
C PHE A 18 4.76 2.23 -6.34
N ALA A 19 5.54 3.04 -7.06
CA ALA A 19 6.17 2.59 -8.31
C ALA A 19 7.05 1.35 -8.11
N ALA A 20 7.85 1.35 -7.05
CA ALA A 20 8.77 0.23 -6.77
C ALA A 20 8.00 -1.06 -6.50
N ILE A 21 6.94 -0.95 -5.70
CA ILE A 21 6.06 -2.07 -5.45
C ILE A 21 5.35 -2.53 -6.75
N GLN A 22 4.88 -1.59 -7.55
CA GLN A 22 4.18 -1.96 -8.79
C GLN A 22 5.07 -2.71 -9.80
N ILE A 23 6.32 -2.27 -9.93
CA ILE A 23 7.32 -3.01 -10.72
C ILE A 23 7.43 -4.47 -10.23
N HIS A 24 7.58 -4.67 -8.91
CA HIS A 24 7.57 -6.02 -8.30
C HIS A 24 6.27 -6.79 -8.62
N HIS A 25 5.13 -6.15 -8.35
CA HIS A 25 3.81 -6.77 -8.59
C HIS A 25 3.63 -7.26 -10.04
N ASP A 26 4.01 -6.40 -11.01
CA ASP A 26 3.92 -6.72 -12.43
C ASP A 26 4.80 -7.93 -12.78
N SER A 27 6.03 -7.96 -12.25
CA SER A 27 7.00 -9.01 -12.53
C SER A 27 6.58 -10.35 -11.92
N ASN A 28 6.18 -10.31 -10.65
CA ASN A 28 5.75 -11.52 -9.93
C ASN A 28 4.54 -12.14 -10.57
N SER A 29 3.65 -11.30 -11.09
CA SER A 29 2.40 -11.80 -11.65
C SER A 29 2.57 -12.57 -12.96
N LYS A 30 3.78 -12.55 -13.51
CA LYS A 30 4.11 -13.33 -14.71
C LYS A 30 4.72 -14.69 -14.37
N SER A 31 4.90 -14.95 -13.06
CA SER A 31 5.57 -16.16 -12.60
C SER A 31 4.76 -17.42 -12.85
N GLU A 32 5.42 -18.47 -13.32
CA GLU A 32 4.75 -19.75 -13.40
C GLU A 32 4.26 -20.24 -12.04
N VAL A 33 4.90 -19.80 -10.95
CA VAL A 33 4.48 -20.25 -9.61
C VAL A 33 3.04 -19.82 -9.31
N ILE A 34 2.72 -18.57 -9.64
CA ILE A 34 1.35 -18.08 -9.45
C ILE A 34 0.39 -18.79 -10.39
N ARG A 35 0.74 -18.87 -11.68
CA ARG A 35 -0.12 -19.56 -12.66
C ARG A 35 -0.41 -20.99 -12.22
N ASP A 36 0.63 -21.71 -11.82
CA ASP A 36 0.44 -23.10 -11.40
C ASP A 36 -0.40 -23.23 -10.15
N PHE A 37 -0.33 -22.24 -9.26
CA PHE A 37 -1.19 -22.28 -8.06
C PHE A 37 -2.66 -22.41 -8.42
N TYR A 38 -3.09 -21.74 -9.50
CA TYR A 38 -4.52 -21.80 -9.89
C TYR A 38 -5.01 -23.22 -10.11
N THR A 39 -4.14 -24.07 -10.61
CA THR A 39 -4.51 -25.47 -10.81
C THR A 39 -4.21 -26.37 -9.62
N ASP A 40 -3.06 -26.21 -8.98
CA ASP A 40 -2.63 -27.18 -7.96
C ASP A 40 -2.85 -26.75 -6.51
N ARG A 41 -3.02 -25.44 -6.30
CA ARG A 41 -3.43 -24.86 -5.01
C ARG A 41 -2.57 -25.26 -3.81
N ASP A 42 -1.25 -25.33 -4.01
CA ASP A 42 -0.33 -25.59 -2.92
C ASP A 42 0.11 -24.25 -2.29
N THR A 43 -0.47 -23.95 -1.14
CA THR A 43 -0.26 -22.68 -0.47
C THR A 43 1.15 -22.57 0.08
N ASP A 44 1.76 -23.69 0.48
CA ASP A 44 3.11 -23.63 1.06
C ASP A 44 4.11 -23.17 0.01
N VAL A 45 3.92 -23.66 -1.21
CA VAL A 45 4.78 -23.31 -2.35
C VAL A 45 4.61 -21.81 -2.67
N LEU A 46 3.37 -21.37 -2.72
CA LEU A 46 3.09 -19.97 -3.02
C LEU A 46 3.62 -19.02 -1.95
N ASN A 47 3.40 -19.35 -0.68
CA ASN A 47 3.91 -18.51 0.42
C ASN A 47 5.43 -18.41 0.45
N PHE A 48 6.10 -19.53 0.21
CA PHE A 48 7.57 -19.59 0.21
C PHE A 48 8.18 -18.78 -0.94
N PHE A 49 7.52 -18.82 -2.10
CA PHE A 49 7.82 -17.94 -3.23
C PHE A 49 7.79 -16.45 -2.83
N PHE A 50 6.67 -15.98 -2.27
CA PHE A 50 6.59 -14.57 -1.85
C PHE A 50 7.56 -14.19 -0.73
N LEU A 51 7.70 -15.10 0.24
CA LEU A 51 8.61 -14.94 1.36
C LEU A 51 10.05 -14.64 0.87
N SER A 52 10.50 -15.39 -0.12
CA SER A 52 11.86 -15.22 -0.66
C SER A 52 12.04 -13.85 -1.33
N ILE A 53 11.09 -13.46 -2.17
CA ILE A 53 11.13 -12.15 -2.82
C ILE A 53 11.12 -10.99 -1.82
N ASP A 54 10.18 -11.04 -0.88
CA ASP A 54 10.00 -9.95 0.07
C ASP A 54 11.27 -9.73 0.92
N GLN A 55 11.91 -10.81 1.31
CA GLN A 55 13.10 -10.71 2.17
C GLN A 55 14.30 -10.14 1.40
N SER A 56 14.27 -10.25 0.08
CA SER A 56 15.33 -9.70 -0.75
C SER A 56 15.27 -8.17 -0.94
N ASP A 57 14.06 -7.61 -0.86
CA ASP A 57 13.80 -6.16 -1.02
C ASP A 57 12.69 -5.73 -0.04
N PRO A 58 12.99 -5.79 1.27
CA PRO A 58 11.90 -5.69 2.28
C PRO A 58 11.17 -4.33 2.35
N SER A 59 11.86 -3.26 1.95
CA SER A 59 11.31 -1.89 2.05
C SER A 59 10.37 -1.48 0.92
N HIS A 60 10.29 -2.30 -0.13
CA HIS A 60 9.32 -2.08 -1.22
C HIS A 60 8.37 -3.27 -1.33
N THR A 61 7.67 -3.57 -0.24
CA THR A 61 6.75 -4.69 -0.21
C THR A 61 5.37 -4.26 0.27
N PRO A 62 4.31 -4.93 -0.21
CA PRO A 62 2.98 -4.64 0.30
C PRO A 62 2.72 -5.22 1.70
N GLU A 63 1.74 -4.65 2.40
CA GLU A 63 1.35 -5.22 3.70
C GLU A 63 0.65 -6.56 3.57
N PHE A 64 -0.12 -6.72 2.49
CA PHE A 64 -0.74 -8.02 2.21
C PHE A 64 -1.08 -8.22 0.75
N ARG A 65 -1.19 -9.50 0.40
CA ARG A 65 -1.53 -9.95 -0.95
C ARG A 65 -2.67 -10.94 -0.93
N PHE A 66 -3.41 -10.96 -2.05
CA PHE A 66 -4.42 -12.01 -2.25
C PHE A 66 -4.64 -12.27 -3.72
N LEU A 67 -5.23 -13.44 -4.02
CA LEU A 67 -5.50 -13.88 -5.40
C LEU A 67 -6.96 -14.22 -5.54
N THR A 68 -7.51 -13.89 -6.70
CA THR A 68 -8.88 -14.32 -7.02
C THR A 68 -8.87 -15.15 -8.30
N ASP A 69 -9.86 -16.05 -8.42
CA ASP A 69 -10.19 -16.65 -9.69
C ASP A 69 -11.45 -15.94 -10.20
N HIS A 70 -12.24 -16.58 -11.05
CA HIS A 70 -13.42 -15.91 -11.64
C HIS A 70 -14.57 -15.73 -10.63
N LYS A 71 -14.49 -16.45 -9.54
CA LYS A 71 -15.59 -16.45 -8.56
C LYS A 71 -15.32 -15.72 -7.25
N GLY A 72 -14.08 -15.69 -6.81
CA GLY A 72 -13.81 -15.08 -5.52
C GLY A 72 -12.39 -15.33 -5.12
N ILE A 73 -12.09 -15.05 -3.86
CA ILE A 73 -10.71 -15.18 -3.38
C ILE A 73 -10.34 -16.63 -3.25
N ILE A 74 -9.17 -16.97 -3.77
CA ILE A 74 -8.67 -18.34 -3.67
C ILE A 74 -7.47 -18.50 -2.75
N TRP A 75 -6.86 -17.37 -2.36
CA TRP A 75 -5.72 -17.38 -1.45
C TRP A 75 -5.48 -15.98 -0.93
N ASP A 76 -5.05 -15.90 0.33
CA ASP A 76 -4.42 -14.68 0.82
C ASP A 76 -3.25 -15.07 1.73
N ASP A 77 -2.36 -14.12 1.99
CA ASP A 77 -1.10 -14.43 2.70
C ASP A 77 -1.19 -14.43 4.23
N GLY A 78 -2.41 -14.27 4.74
CA GLY A 78 -2.69 -14.22 6.19
C GLY A 78 -2.43 -12.88 6.85
N ASN A 79 -1.71 -11.99 6.17
CA ASN A 79 -1.35 -10.71 6.77
C ASN A 79 -2.50 -9.71 6.89
N ALA A 80 -3.56 -9.84 6.07
CA ALA A 80 -4.71 -8.89 6.15
C ALA A 80 -5.35 -8.89 7.53
N HIS A 81 -5.36 -10.07 8.14
CA HIS A 81 -6.02 -10.24 9.43
C HIS A 81 -5.39 -9.38 10.52
N PHE A 82 -4.10 -9.06 10.36
CA PHE A 82 -3.38 -8.18 11.28
C PHE A 82 -3.91 -6.73 11.31
N TYR A 83 -4.73 -6.39 10.31
CA TYR A 83 -5.30 -5.04 10.14
C TYR A 83 -6.80 -5.04 10.30
N GLY A 84 -7.34 -6.09 10.92
CA GLY A 84 -8.76 -6.17 11.21
C GLY A 84 -9.62 -6.54 10.02
N VAL A 85 -8.98 -7.12 9.01
CA VAL A 85 -9.66 -7.54 7.78
C VAL A 85 -9.94 -9.02 7.83
N ASN A 86 -11.22 -9.35 7.72
CA ASN A 86 -11.65 -10.75 7.71
C ASN A 86 -11.94 -11.19 6.28
N ASP A 87 -12.43 -12.42 6.10
CA ASP A 87 -12.70 -12.92 4.74
C ASP A 87 -13.74 -12.09 3.98
N LEU A 88 -14.76 -11.64 4.68
CA LEU A 88 -15.83 -10.89 4.05
C LEU A 88 -15.32 -9.54 3.55
N ILE A 89 -14.46 -8.90 4.35
CA ILE A 89 -13.87 -7.62 3.95
C ILE A 89 -12.86 -7.80 2.79
N LEU A 90 -12.09 -8.89 2.79
CA LEU A 90 -11.18 -9.20 1.67
C LEU A 90 -12.01 -9.30 0.37
N ASP A 91 -13.13 -10.01 0.46
CA ASP A 91 -14.08 -10.13 -0.65
C ASP A 91 -14.48 -8.76 -1.20
N SER A 92 -14.82 -7.84 -0.30
CA SER A 92 -15.26 -6.51 -0.68
C SER A 92 -14.15 -5.71 -1.34
N LEU A 93 -12.91 -5.84 -0.83
CA LEU A 93 -11.77 -5.20 -1.46
C LEU A 93 -11.58 -5.63 -2.90
N ALA A 94 -11.69 -6.94 -3.14
CA ALA A 94 -11.53 -7.46 -4.48
C ALA A 94 -12.56 -6.84 -5.41
N ASN A 95 -13.80 -6.68 -4.92
CA ASN A 95 -14.87 -6.10 -5.73
C ASN A 95 -14.73 -4.58 -5.96
N ARG A 96 -14.13 -3.89 -4.99
CA ARG A 96 -13.88 -2.45 -5.04
C ARG A 96 -12.79 -2.08 -6.02
N VAL A 97 -11.83 -2.98 -6.21
CA VAL A 97 -10.74 -2.74 -7.14
C VAL A 97 -11.09 -3.50 -8.41
N SER A 98 -11.94 -2.87 -9.20
CA SER A 98 -12.57 -3.51 -10.34
C SER A 98 -11.82 -3.31 -11.64
N PHE A 99 -10.76 -2.49 -11.63
CA PHE A 99 -9.91 -2.33 -12.81
C PHE A 99 -8.43 -2.49 -12.50
N SER A 100 -7.69 -2.98 -13.49
CA SER A 100 -6.29 -3.36 -13.29
C SER A 100 -5.27 -2.25 -13.53
N ASN A 101 -4.07 -2.49 -13.01
CA ASN A 101 -2.85 -1.81 -13.37
C ASN A 101 -2.69 -0.43 -12.79
N ASN A 102 -3.47 -0.12 -11.76
CA ASN A 102 -3.32 1.20 -11.11
C ASN A 102 -3.70 1.15 -9.66
N TRP A 103 -3.08 2.03 -8.91
CA TRP A 103 -3.32 2.13 -7.47
C TRP A 103 -4.64 2.83 -7.21
N TYR A 104 -5.45 2.25 -6.33
CA TYR A 104 -6.68 2.92 -5.92
C TYR A 104 -6.66 3.17 -4.42
N TYR A 105 -7.11 4.37 -4.01
CA TYR A 105 -7.23 4.67 -2.61
C TYR A 105 -8.58 4.18 -2.08
N ILE A 106 -8.50 3.34 -1.06
CA ILE A 106 -9.70 2.73 -0.47
C ILE A 106 -9.69 2.95 1.04
N ASN A 107 -10.79 3.53 1.53
CA ASN A 107 -11.02 3.69 2.97
C ASN A 107 -12.00 2.61 3.37
N VAL A 108 -11.55 1.61 4.14
CA VAL A 108 -12.46 0.49 4.45
C VAL A 108 -12.63 0.35 5.92
N MET A 109 -13.86 0.02 6.29
CA MET A 109 -14.14 -0.22 7.68
C MET A 109 -13.69 -1.63 8.05
N THR A 110 -12.85 -1.71 9.08
CA THR A 110 -12.38 -2.99 9.60
C THR A 110 -12.90 -3.23 11.03
N SER A 111 -12.55 -4.38 11.61
CA SER A 111 -13.01 -4.70 12.96
C SER A 111 -12.41 -3.75 14.01
N ILE A 112 -11.34 -3.05 13.64
CA ILE A 112 -10.66 -2.11 14.53
C ILE A 112 -10.86 -0.63 14.11
N GLY A 113 -11.78 -0.40 13.17
CA GLY A 113 -12.06 0.95 12.66
C GLY A 113 -11.64 1.17 11.20
N SER A 114 -11.72 2.41 10.74
CA SER A 114 -11.36 2.73 9.35
C SER A 114 -9.88 2.46 9.11
N ARG A 115 -9.59 1.80 8.00
CA ARG A 115 -8.20 1.64 7.56
C ARG A 115 -8.09 2.18 6.13
N HIS A 116 -6.93 2.76 5.83
CA HIS A 116 -6.79 3.57 4.64
C HIS A 116 -5.68 2.92 3.81
N MET A 117 -6.03 2.46 2.62
CA MET A 117 -5.11 1.62 1.86
C MET A 117 -4.95 2.10 0.43
N LEU A 118 -3.80 1.76 -0.18
CA LEU A 118 -3.69 1.82 -1.64
C LEU A 118 -3.64 0.36 -2.14
N VAL A 119 -4.52 0.03 -3.08
CA VAL A 119 -4.67 -1.37 -3.54
C VAL A 119 -4.57 -1.42 -5.07
N ARG A 120 -3.88 -2.42 -5.61
CA ARG A 120 -3.68 -2.54 -7.06
C ARG A 120 -3.97 -3.98 -7.46
N ARG A 121 -4.54 -4.19 -8.66
CA ARG A 121 -4.71 -5.56 -9.13
C ARG A 121 -4.07 -5.74 -10.52
N VAL A 122 -3.54 -6.92 -10.78
CA VAL A 122 -3.04 -7.24 -12.14
C VAL A 122 -3.59 -8.62 -12.56
N PRO A 123 -3.88 -8.78 -13.87
CA PRO A 123 -4.40 -10.07 -14.33
C PRO A 123 -3.32 -11.15 -14.34
N ILE A 124 -3.75 -12.39 -14.06
CA ILE A 124 -2.89 -13.57 -14.22
C ILE A 124 -3.29 -14.21 -15.54
N LEU A 125 -2.40 -14.08 -16.53
CA LEU A 125 -2.64 -14.62 -17.85
C LEU A 125 -2.27 -16.10 -17.88
N ASP A 126 -3.08 -16.89 -18.59
CA ASP A 126 -2.69 -18.27 -18.89
C ASP A 126 -2.07 -18.27 -20.30
N PRO A 127 -0.72 -18.35 -20.41
CA PRO A 127 -0.12 -18.30 -21.75
C PRO A 127 -0.36 -19.57 -22.61
N SER A 128 -1.02 -20.58 -22.05
CA SER A 128 -1.49 -21.71 -22.86
C SER A 128 -2.79 -21.40 -23.66
N THR A 129 -3.56 -20.39 -23.24
CA THR A 129 -4.85 -20.05 -23.86
C THR A 129 -5.01 -18.58 -24.25
N GLY A 130 -4.26 -17.70 -23.58
CA GLY A 130 -4.44 -16.26 -23.80
C GLY A 130 -5.62 -15.71 -23.00
N GLU A 131 -6.16 -16.52 -22.10
CA GLU A 131 -7.23 -16.07 -21.21
C GLU A 131 -6.72 -15.68 -19.83
N VAL A 132 -7.51 -14.88 -19.12
CA VAL A 132 -7.18 -14.45 -17.76
C VAL A 132 -7.80 -15.38 -16.72
N LEU A 133 -6.95 -15.94 -15.87
CA LEU A 133 -7.40 -16.91 -14.84
C LEU A 133 -8.06 -16.20 -13.64
N GLY A 134 -7.69 -14.95 -13.44
CA GLY A 134 -8.04 -14.22 -12.20
C GLY A 134 -7.04 -13.11 -11.98
N PHE A 135 -7.04 -12.55 -10.77
CA PHE A 135 -6.19 -11.38 -10.50
C PHE A 135 -5.37 -11.50 -9.23
N SER A 136 -4.21 -10.83 -9.26
CA SER A 136 -3.34 -10.72 -8.11
C SER A 136 -3.49 -9.31 -7.55
N PHE A 137 -3.67 -9.19 -6.24
CA PHE A 137 -3.84 -7.89 -5.57
C PHE A 137 -2.72 -7.63 -4.57
N ASN A 138 -2.24 -6.39 -4.53
CA ASN A 138 -1.32 -5.92 -3.48
C ASN A 138 -1.97 -4.80 -2.73
N ALA A 139 -1.90 -4.85 -1.40
CA ALA A 139 -2.49 -3.81 -0.56
C ALA A 139 -1.39 -3.17 0.31
N VAL A 140 -1.33 -1.83 0.31
CA VAL A 140 -0.48 -1.08 1.22
C VAL A 140 -1.40 -0.43 2.26
N VAL A 141 -1.08 -0.65 3.53
CA VAL A 141 -1.91 -0.09 4.61
C VAL A 141 -1.18 1.13 5.16
N LEU A 142 -1.81 2.27 5.04
CA LEU A 142 -1.15 3.54 5.38
C LEU A 142 -1.12 3.78 6.88
N ASP A 143 -2.17 3.32 7.56
CA ASP A 143 -2.32 3.55 9.01
C ASP A 143 -1.18 2.98 9.81
N ASN A 144 -0.57 3.82 10.64
CA ASN A 144 0.53 3.36 11.49
C ASN A 144 1.68 2.76 10.68
N ASN A 145 1.88 3.23 9.45
CA ASN A 145 2.96 2.68 8.64
C ASN A 145 4.25 3.44 8.92
N PHE A 146 4.90 3.07 10.02
CA PHE A 146 6.10 3.79 10.49
C PHE A 146 7.23 3.74 9.48
N ALA A 147 7.39 2.58 8.83
CA ALA A 147 8.45 2.41 7.82
C ALA A 147 8.29 3.34 6.63
N LEU A 148 7.06 3.46 6.13
CA LEU A 148 6.76 4.43 5.12
C LEU A 148 7.04 5.85 5.61
N MET A 149 6.61 6.19 6.82
CA MET A 149 6.79 7.59 7.30
C MET A 149 8.28 7.90 7.46
N GLU A 150 9.02 6.91 7.94
CA GLU A 150 10.48 7.03 8.09
C GLU A 150 11.16 7.33 6.77
N LYS A 151 10.74 6.61 5.74
CA LYS A 151 11.27 6.74 4.40
C LYS A 151 10.95 8.13 3.83
N LEU A 152 9.73 8.58 4.08
CA LEU A 152 9.27 9.86 3.61
C LEU A 152 10.09 11.00 4.21
N LYS A 153 10.36 10.91 5.50
CA LYS A 153 11.10 11.91 6.28
C LYS A 153 12.56 11.98 5.82
N SER A 154 13.20 10.82 5.76
CA SER A 154 14.62 10.71 5.44
C SER A 154 14.93 11.14 4.01
N GLU A 155 14.19 10.58 3.06
CA GLU A 155 14.44 10.83 1.66
C GLU A 155 14.08 12.26 1.25
N SER A 156 13.24 12.92 2.04
CA SER A 156 12.89 14.31 1.78
C SER A 156 13.72 15.29 2.61
N ASN A 157 14.62 14.77 3.44
CA ASN A 157 15.43 15.59 4.35
C ASN A 157 14.64 16.66 5.14
N VAL A 158 13.55 16.22 5.78
CA VAL A 158 12.80 17.06 6.72
C VAL A 158 12.92 16.42 8.10
N ASP A 159 12.40 17.10 9.12
CA ASP A 159 12.55 16.64 10.48
C ASP A 159 11.53 15.57 10.91
N ASN A 160 10.31 15.66 10.38
CA ASN A 160 9.27 14.67 10.71
C ASN A 160 8.15 14.82 9.69
N VAL A 161 7.31 13.79 9.59
CA VAL A 161 6.16 13.80 8.67
C VAL A 161 4.93 13.22 9.38
N VAL A 162 3.76 13.73 9.04
CA VAL A 162 2.50 13.21 9.57
C VAL A 162 1.58 13.01 8.38
N LEU A 163 1.00 11.81 8.24
CA LEU A 163 -0.02 11.57 7.20
C LEU A 163 -1.42 11.72 7.80
N VAL A 164 -2.27 12.48 7.13
CA VAL A 164 -3.66 12.71 7.58
C VAL A 164 -4.66 12.37 6.49
N ALA A 165 -5.86 11.97 6.90
CA ALA A 165 -7.01 11.83 6.00
C ALA A 165 -8.06 12.85 6.45
N ASN A 166 -8.28 13.87 5.61
CA ASN A 166 -8.93 15.12 6.04
C ASN A 166 -8.20 15.69 7.25
N SER A 167 -8.79 15.58 8.44
CA SER A 167 -8.17 16.17 9.63
C SER A 167 -7.52 15.15 10.59
N VAL A 168 -7.73 13.86 10.33
CA VAL A 168 -7.39 12.81 11.29
C VAL A 168 -6.00 12.22 10.96
N PRO A 169 -5.09 12.22 11.93
CA PRO A 169 -3.77 11.61 11.71
C PRO A 169 -3.87 10.11 11.53
N LEU A 170 -3.16 9.59 10.52
CA LEU A 170 -3.17 8.15 10.23
C LEU A 170 -1.84 7.51 10.59
N ALA A 171 -0.75 8.28 10.48
CA ALA A 171 0.59 7.78 10.71
C ALA A 171 1.56 8.94 10.87
N ASN A 172 2.71 8.67 11.51
CA ASN A 172 3.71 9.71 11.71
C ASN A 172 5.08 9.10 12.01
N SER A 173 6.11 9.93 11.85
CA SER A 173 7.52 9.52 12.02
C SER A 173 8.15 9.94 13.36
N LEU A 174 7.36 10.60 14.20
CA LEU A 174 7.85 11.13 15.49
C LEU A 174 8.46 10.05 16.39
N ILE A 175 9.58 10.39 17.02
CA ILE A 175 10.28 9.50 17.95
C ILE A 175 9.56 9.52 19.30
N GLY A 176 9.07 10.68 19.68
CA GLY A 176 8.31 10.86 20.92
C GLY A 176 9.00 11.79 21.90
N ASP A 177 10.24 12.17 21.59
CA ASP A 177 11.05 12.98 22.50
C ASP A 177 11.21 14.45 22.05
N GLU A 178 10.69 14.80 20.88
CA GLU A 178 10.81 16.18 20.39
C GLU A 178 9.90 17.17 21.15
N PRO A 179 10.14 18.50 21.03
CA PRO A 179 9.37 19.53 21.76
C PRO A 179 7.92 19.75 21.31
N TYR A 180 7.44 18.93 20.38
CA TYR A 180 6.10 19.02 19.85
C TYR A 180 5.57 17.60 19.66
N ASN A 181 4.24 17.46 19.60
CA ASN A 181 3.61 16.19 19.26
C ASN A 181 2.70 16.36 18.04
N VAL A 182 2.05 15.28 17.61
CA VAL A 182 1.23 15.34 16.40
C VAL A 182 0.14 16.42 16.48
N ALA A 183 -0.52 16.52 17.63
CA ALA A 183 -1.54 17.56 17.85
C ALA A 183 -1.03 18.98 17.62
N ASP A 184 0.19 19.25 18.08
CA ASP A 184 0.83 20.56 17.87
C ASP A 184 1.02 20.83 16.38
N VAL A 185 1.38 19.79 15.64
CA VAL A 185 1.59 19.89 14.17
C VAL A 185 0.28 20.18 13.42
N LEU A 186 -0.82 19.59 13.91
CA LEU A 186 -2.14 19.73 13.28
C LEU A 186 -2.88 20.98 13.75
N GLN A 187 -2.92 21.17 15.07
CA GLN A 187 -3.70 22.24 15.70
C GLN A 187 -2.83 23.47 15.88
N LEU A 198 8.52 26.16 13.92
CA LEU A 198 8.27 25.01 13.04
C LEU A 198 7.65 25.45 11.72
N LEU A 199 8.21 24.96 10.62
CA LEU A 199 7.64 25.19 9.31
C LEU A 199 6.89 23.92 8.95
N VAL A 200 5.57 24.03 8.78
CA VAL A 200 4.75 22.88 8.44
C VAL A 200 4.16 23.11 7.06
N ILE A 201 4.40 22.16 6.16
CA ILE A 201 3.90 22.25 4.80
C ILE A 201 2.89 21.13 4.54
N GLU A 202 1.78 21.47 3.89
CA GLU A 202 0.75 20.50 3.50
C GLU A 202 0.91 20.12 2.03
N THR A 203 1.03 18.82 1.77
CA THR A 203 1.09 18.28 0.40
C THR A 203 -0.04 17.26 0.22
N PRO A 204 -1.12 17.67 -0.46
CA PRO A 204 -2.21 16.73 -0.80
C PRO A 204 -1.69 15.57 -1.64
N ILE A 205 -2.25 14.39 -1.42
CA ILE A 205 -1.85 13.20 -2.17
C ILE A 205 -2.80 12.94 -3.32
N VAL A 206 -2.24 12.89 -4.51
CA VAL A 206 -2.97 12.67 -5.73
C VAL A 206 -2.79 11.22 -6.21
N VAL A 207 -3.92 10.54 -6.40
CA VAL A 207 -3.91 9.15 -6.88
C VAL A 207 -4.65 9.10 -8.22
N ASN A 208 -3.91 8.80 -9.29
CA ASN A 208 -4.42 8.81 -10.68
C ASN A 208 -5.11 10.15 -10.99
N ALA A 209 -4.41 11.23 -10.69
CA ALA A 209 -4.86 12.61 -10.88
C ALA A 209 -6.18 13.04 -10.19
N VAL A 210 -6.65 12.27 -9.21
CA VAL A 210 -7.73 12.73 -8.32
C VAL A 210 -7.16 13.10 -6.94
N THR A 211 -7.51 14.29 -6.46
CA THR A 211 -7.04 14.76 -5.15
C THR A 211 -7.82 14.05 -4.04
N THR A 212 -7.15 13.12 -3.37
CA THR A 212 -7.76 12.38 -2.27
C THR A 212 -7.86 13.24 -1.01
N GLU A 213 -8.47 12.68 0.02
CA GLU A 213 -8.57 13.29 1.34
C GLU A 213 -7.22 13.18 2.08
N LEU A 214 -6.26 12.49 1.47
CA LEU A 214 -4.98 12.27 2.14
C LEU A 214 -4.09 13.47 1.94
N CYS A 215 -3.38 13.86 3.01
CA CYS A 215 -2.39 14.92 2.92
C CYS A 215 -1.14 14.55 3.71
N LEU A 216 0.03 14.86 3.17
CA LEU A 216 1.28 14.67 3.89
C LEU A 216 1.72 16.01 4.46
N LEU A 217 2.01 16.04 5.76
CA LEU A 217 2.50 17.26 6.41
C LEU A 217 3.96 17.05 6.78
N THR A 218 4.81 17.94 6.30
CA THR A 218 6.23 17.88 6.64
C THR A 218 6.49 18.90 7.74
N VAL A 219 7.44 18.59 8.62
CA VAL A 219 7.79 19.44 9.74
C VAL A 219 9.25 19.71 9.60
N GLN A 220 9.60 21.00 9.57
CA GLN A 220 11.00 21.40 9.55
C GLN A 220 11.23 22.33 10.73
N ASP A 221 12.30 22.10 11.46
CA ASP A 221 12.59 22.94 12.62
C ASP A 221 13.80 23.81 12.34
#